data_5CVP
#
_entry.id   5CVP
#
_cell.length_a   58.871
_cell.length_b   58.871
_cell.length_c   264.106
_cell.angle_alpha   90.00
_cell.angle_beta   90.00
_cell.angle_gamma   120.00
#
_symmetry.space_group_name_H-M   'P 61 2 2'
#
loop_
_entity.id
_entity.type
_entity.pdbx_description
1 polymer 'Peptide deformylase'
2 non-polymer 'CADMIUM ION'
3 non-polymer 'ACETATE ION'
4 non-polymer 'SODIUM ION'
5 non-polymer 1-(4-chlorophenyl)-N-methylmethanesulfonamide
6 water water
#
_entity_poly.entity_id   1
_entity_poly.type   'polypeptide(L)'
_entity_poly.pdbx_seq_one_letter_code
;MIRDIIRMGDKRLLRVAPQVTNLGSAELHALVSDMFETMGAAHGVGLAAPQIAVDLQLMVFGFEASERYPEAPAVPLTAL
ANAQIEPLSDEMENGWEGCLSIPGLRAVIPRYRYIRYRGFAPDGSPIEREAEGFHARVVQHEYDHLVGRLYPSRIENFDT
FGFDDVLSYDL
;
_entity_poly.pdbx_strand_id   A
#
loop_
_chem_comp.id
_chem_comp.type
_chem_comp.name
_chem_comp.formula
56F non-polymer 1-(4-chlorophenyl)-N-methylmethanesulfonamide 'C8 H10 Cl N O2 S'
ACT non-polymer 'ACETATE ION' 'C2 H3 O2 -1'
CD non-polymer 'CADMIUM ION' 'Cd 2'
NA non-polymer 'SODIUM ION' 'Na 1'
#
# COMPACT_ATOMS: atom_id res chain seq x y z
N MET A 1 -18.03 -4.34 6.18
CA MET A 1 -18.73 -3.56 5.18
C MET A 1 -17.73 -2.99 4.15
N ILE A 2 -18.11 -2.98 2.87
CA ILE A 2 -17.28 -2.46 1.78
C ILE A 2 -17.31 -0.94 1.88
N ARG A 3 -16.14 -0.28 1.89
CA ARG A 3 -16.11 1.19 1.89
C ARG A 3 -15.76 1.77 0.54
N ASP A 4 -16.27 2.95 0.22
CA ASP A 4 -15.85 3.64 -1.02
C ASP A 4 -14.38 3.94 -0.93
N ILE A 5 -13.68 3.71 -2.04
CA ILE A 5 -12.25 4.07 -2.20
C ILE A 5 -12.21 5.44 -2.88
N ILE A 6 -11.56 6.44 -2.27
CA ILE A 6 -11.50 7.72 -2.89
C ILE A 6 -10.37 7.73 -3.98
N ARG A 7 -10.55 8.56 -5.01
CA ARG A 7 -9.61 8.62 -6.12
C ARG A 7 -8.65 9.80 -6.04
N MET A 8 -7.49 9.62 -6.66
CA MET A 8 -6.53 10.69 -6.82
C MET A 8 -7.21 11.98 -7.26
N GLY A 9 -6.79 13.08 -6.63
CA GLY A 9 -7.51 14.36 -6.77
C GLY A 9 -8.23 14.69 -5.47
N ASP A 10 -8.68 13.68 -4.75
CA ASP A 10 -9.19 13.91 -3.34
C ASP A 10 -8.07 14.39 -2.42
N LYS A 11 -8.22 15.60 -1.86
CA LYS A 11 -7.24 16.12 -0.90
C LYS A 11 -6.99 15.18 0.28
N ARG A 12 -7.95 14.32 0.57
CA ARG A 12 -7.78 13.41 1.71
C ARG A 12 -6.69 12.38 1.51
N LEU A 13 -6.24 12.18 0.27
CA LEU A 13 -5.08 11.31 0.03
C LEU A 13 -3.75 12.01 0.21
N LEU A 14 -3.77 13.33 0.36
CA LEU A 14 -2.51 14.14 0.37
C LEU A 14 -2.15 14.54 1.81
N ARG A 15 -2.87 14.01 2.79
CA ARG A 15 -2.65 14.38 4.25
C ARG A 15 -1.53 13.55 4.84
N VAL A 16 -0.89 14.03 5.92
CA VAL A 16 0.00 13.18 6.70
C VAL A 16 -0.85 12.56 7.87
N ALA A 17 -1.04 11.24 7.88
CA ALA A 17 -2.02 10.62 8.83
C ALA A 17 -1.43 10.47 10.26
N PRO A 18 -2.28 10.64 11.30
CA PRO A 18 -1.78 10.52 12.68
C PRO A 18 -1.72 9.06 13.04
N GLN A 19 -1.06 8.74 14.16
CA GLN A 19 -1.01 7.33 14.59
C GLN A 19 -2.31 6.72 15.05
N VAL A 20 -2.34 5.40 15.03
CA VAL A 20 -3.41 4.62 15.56
C VAL A 20 -3.15 4.58 17.11
N THR A 21 -4.19 4.86 17.91
CA THR A 21 -4.02 4.83 19.36
C THR A 21 -5.10 3.95 20.00
N ASN A 22 -5.80 3.17 19.21
CA ASN A 22 -6.75 2.20 19.73
C ASN A 22 -6.45 0.77 19.38
N LEU A 23 -5.19 0.41 19.47
CA LEU A 23 -4.83 -1.00 19.37
C LEU A 23 -5.61 -1.92 20.35
N GLY A 24 -6.11 -3.06 19.83
CA GLY A 24 -6.81 -4.02 20.65
C GLY A 24 -8.28 -3.69 20.76
N SER A 25 -8.77 -2.59 20.16
CA SER A 25 -10.13 -2.16 20.36
C SER A 25 -11.09 -2.86 19.39
N ALA A 26 -12.39 -2.87 19.73
CA ALA A 26 -13.40 -3.42 18.80
C ALA A 26 -13.49 -2.46 17.62
N GLU A 27 -13.32 -1.16 17.83
CA GLU A 27 -13.51 -0.22 16.73
C GLU A 27 -12.38 -0.43 15.68
N LEU A 28 -11.15 -0.64 16.12
CA LEU A 28 -10.04 -0.88 15.19
C LEU A 28 -10.27 -2.21 14.41
N HIS A 29 -10.69 -3.28 15.13
CA HIS A 29 -10.79 -4.57 14.51
CA HIS A 29 -11.06 -4.62 14.50
C HIS A 29 -11.95 -4.44 13.39
N ALA A 30 -13.00 -3.66 13.66
CA ALA A 30 -14.06 -3.45 12.68
C ALA A 30 -13.53 -2.68 11.45
N LEU A 31 -12.71 -1.67 11.67
CA LEU A 31 -12.15 -0.88 10.59
C LEU A 31 -11.23 -1.77 9.74
N VAL A 32 -10.41 -2.57 10.40
CA VAL A 32 -9.47 -3.47 9.71
C VAL A 32 -10.29 -4.48 8.87
N SER A 33 -11.36 -5.00 9.46
CA SER A 33 -12.23 -5.98 8.74
C SER A 33 -12.86 -5.37 7.48
N ASP A 34 -13.40 -4.17 7.59
CA ASP A 34 -13.85 -3.39 6.43
C ASP A 34 -12.72 -3.20 5.39
N MET A 35 -11.51 -2.88 5.86
CA MET A 35 -10.36 -2.69 4.93
C MET A 35 -10.04 -3.98 4.13
N PHE A 36 -9.99 -5.11 4.82
CA PHE A 36 -9.73 -6.37 4.12
C PHE A 36 -10.88 -6.67 3.12
N GLU A 37 -12.13 -6.40 3.52
CA GLU A 37 -13.28 -6.61 2.66
C GLU A 37 -13.23 -5.74 1.42
N THR A 38 -12.92 -4.46 1.63
CA THR A 38 -12.79 -3.49 0.63
C THR A 38 -11.65 -3.84 -0.35
N MET A 39 -10.51 -4.22 0.18
CA MET A 39 -9.37 -4.51 -0.62
C MET A 39 -9.77 -5.72 -1.49
N GLY A 40 -10.40 -6.71 -0.88
CA GLY A 40 -10.73 -7.93 -1.63
C GLY A 40 -11.76 -7.69 -2.75
N ALA A 41 -12.78 -6.90 -2.46
CA ALA A 41 -13.78 -6.60 -3.49
C ALA A 41 -13.16 -5.84 -4.68
N ALA A 42 -12.14 -5.02 -4.41
CA ALA A 42 -11.49 -4.29 -5.51
C ALA A 42 -10.32 -5.06 -6.12
N HIS A 43 -10.10 -6.28 -5.66
CA HIS A 43 -9.01 -7.07 -6.09
C HIS A 43 -7.66 -6.38 -5.86
N GLY A 44 -7.49 -5.67 -4.74
CA GLY A 44 -6.17 -5.02 -4.53
C GLY A 44 -5.18 -5.95 -3.89
N VAL A 45 -3.90 -5.59 -3.90
CA VAL A 45 -2.96 -6.27 -3.04
C VAL A 45 -2.58 -5.43 -1.78
N GLY A 46 -2.94 -4.16 -1.74
CA GLY A 46 -2.64 -3.34 -0.56
C GLY A 46 -3.74 -2.34 -0.52
N LEU A 47 -4.08 -1.87 0.68
CA LEU A 47 -5.01 -0.78 0.81
C LEU A 47 -4.65 0.02 2.07
N ALA A 48 -4.50 1.33 1.97
CA ALA A 48 -4.14 2.12 3.17
C ALA A 48 -5.38 2.84 3.66
N ALA A 49 -5.48 3.20 4.94
CA ALA A 49 -6.75 3.77 5.47
C ALA A 49 -7.11 5.08 4.79
N PRO A 50 -6.12 5.94 4.43
CA PRO A 50 -6.50 7.20 3.73
C PRO A 50 -7.25 6.96 2.43
N GLN A 51 -7.04 5.80 1.80
CA GLN A 51 -7.81 5.51 0.61
C GLN A 51 -9.31 5.26 0.84
N ILE A 52 -9.71 4.98 2.07
CA ILE A 52 -11.14 4.97 2.38
C ILE A 52 -11.50 6.19 3.25
N ALA A 53 -10.76 7.29 3.08
CA ALA A 53 -10.92 8.59 3.79
C ALA A 53 -10.88 8.40 5.32
N VAL A 54 -10.08 7.46 5.79
CA VAL A 54 -9.85 7.29 7.23
C VAL A 54 -8.42 7.79 7.49
N ASP A 55 -8.31 8.87 8.26
CA ASP A 55 -7.01 9.51 8.43
C ASP A 55 -6.20 8.84 9.56
N LEU A 56 -5.61 7.67 9.27
CA LEU A 56 -4.87 6.88 10.30
C LEU A 56 -3.72 6.13 9.65
N GLN A 57 -2.64 5.95 10.39
CA GLN A 57 -1.47 5.19 9.97
C GLN A 57 -1.78 3.69 10.02
N LEU A 58 -2.54 3.20 9.02
CA LEU A 58 -3.00 1.83 9.08
C LEU A 58 -3.08 1.32 7.58
N MET A 59 -2.62 0.11 7.33
CA MET A 59 -2.78 -0.47 5.99
C MET A 59 -3.05 -1.93 6.16
N VAL A 60 -3.63 -2.54 5.11
CA VAL A 60 -3.75 -4.00 5.02
C VAL A 60 -3.08 -4.37 3.68
N PHE A 61 -2.60 -5.59 3.58
CA PHE A 61 -2.04 -6.02 2.31
C PHE A 61 -1.86 -7.53 2.32
N GLY A 62 -1.57 -8.10 1.16
CA GLY A 62 -1.10 -9.49 1.13
C GLY A 62 -2.03 -10.28 0.19
N PHE A 63 -1.62 -11.49 -0.23
CA PHE A 63 -2.52 -12.39 -1.03
C PHE A 63 -1.81 -13.73 -1.21
N GLU A 64 -2.57 -14.80 -1.52
CA GLU A 64 -1.94 -15.98 -2.20
C GLU A 64 -1.78 -15.74 -3.71
N ALA A 65 -2.92 -15.64 -4.41
CA ALA A 65 -2.99 -15.41 -5.87
C ALA A 65 -3.00 -13.91 -6.17
N GLU A 71 0.82 -11.66 -11.05
CA GLU A 71 1.50 -12.73 -10.30
C GLU A 71 2.86 -12.26 -9.67
N ALA A 72 3.09 -12.61 -8.39
CA ALA A 72 4.42 -12.56 -7.69
C ALA A 72 4.44 -13.66 -6.60
N PRO A 73 5.49 -13.78 -5.73
CA PRO A 73 5.37 -14.81 -4.65
C PRO A 73 4.42 -14.33 -3.53
N ALA A 74 3.77 -15.25 -2.81
CA ALA A 74 2.69 -14.89 -1.88
C ALA A 74 3.22 -13.93 -0.84
N VAL A 75 2.42 -12.92 -0.54
CA VAL A 75 2.69 -12.01 0.57
C VAL A 75 1.66 -12.25 1.70
N PRO A 76 2.09 -12.55 2.92
CA PRO A 76 1.10 -12.88 3.98
C PRO A 76 0.08 -11.74 4.21
N LEU A 77 -1.17 -12.17 4.40
CA LEU A 77 -2.24 -11.24 4.71
C LEU A 77 -1.92 -10.54 6.02
N THR A 78 -1.87 -9.20 6.01
CA THR A 78 -1.29 -8.49 7.15
C THR A 78 -2.03 -7.21 7.37
N ALA A 79 -2.32 -6.89 8.64
CA ALA A 79 -2.87 -5.54 8.94
C ALA A 79 -1.81 -4.89 9.83
N LEU A 80 -1.37 -3.69 9.50
CA LEU A 80 -0.17 -3.10 10.11
C LEU A 80 -0.50 -1.66 10.47
N ALA A 81 -0.41 -1.36 11.78
CA ALA A 81 -0.64 0.03 12.25
C ALA A 81 0.69 0.70 12.59
N ASN A 82 0.76 2.04 12.38
CA ASN A 82 1.94 2.81 12.82
C ASN A 82 3.24 2.33 12.16
N ALA A 83 3.13 1.95 10.87
CA ALA A 83 4.28 1.40 10.13
C ALA A 83 5.50 2.38 10.11
N GLN A 84 6.69 1.82 10.24
CA GLN A 84 7.94 2.58 10.06
C GLN A 84 8.78 1.70 9.17
N ILE A 85 9.43 2.33 8.19
CA ILE A 85 10.22 1.57 7.25
C ILE A 85 11.67 2.07 7.26
N GLU A 86 12.61 1.13 7.07
CA GLU A 86 14.05 1.40 7.00
C GLU A 86 14.61 0.51 5.90
N PRO A 87 15.32 1.14 4.92
CA PRO A 87 15.98 0.34 3.92
C PRO A 87 17.10 -0.50 4.52
N LEU A 88 17.28 -1.69 4.00
CA LEU A 88 18.39 -2.49 4.51
C LEU A 88 19.59 -2.49 3.54
N SER A 89 19.45 -1.77 2.43
CA SER A 89 20.52 -1.63 1.42
C SER A 89 20.14 -0.41 0.61
N ASP A 90 21.10 0.15 -0.14
CA ASP A 90 20.85 1.27 -1.04
C ASP A 90 20.25 0.76 -2.34
N GLU A 91 20.25 -0.55 -2.54
CA GLU A 91 19.87 -1.09 -3.85
C GLU A 91 18.39 -0.79 -4.25
N MET A 92 18.18 -0.19 -5.43
CA MET A 92 16.81 0.14 -5.93
C MET A 92 16.46 -0.90 -6.99
N GLU A 93 15.17 -1.16 -7.17
CA GLU A 93 14.73 -2.02 -8.23
C GLU A 93 13.51 -1.40 -8.86
N ASN A 94 13.42 -1.47 -10.19
CA ASN A 94 12.24 -1.02 -10.86
C ASN A 94 11.20 -2.09 -10.93
N GLY A 95 9.95 -1.69 -10.81
CA GLY A 95 8.84 -2.61 -11.04
C GLY A 95 7.51 -1.92 -11.32
N TRP A 96 6.53 -2.70 -11.80
CA TRP A 96 5.23 -2.16 -12.18
C TRP A 96 4.44 -1.86 -10.90
N GLU A 97 3.80 -0.69 -10.83
CA GLU A 97 2.86 -0.38 -9.74
C GLU A 97 1.57 0.16 -10.28
N GLY A 98 0.46 -0.17 -9.63
CA GLY A 98 -0.77 0.51 -9.96
C GLY A 98 -1.43 0.84 -8.61
N CYS A 99 -2.63 1.34 -8.63
CA CYS A 99 -3.21 1.83 -7.35
C CYS A 99 -4.70 1.88 -7.53
N LEU A 100 -5.43 1.39 -6.54
CA LEU A 100 -6.91 1.44 -6.61
C LEU A 100 -7.45 2.84 -6.63
N SER A 101 -6.72 3.83 -6.11
CA SER A 101 -7.19 5.20 -6.22
C SER A 101 -6.85 5.84 -7.61
N ILE A 102 -6.14 5.10 -8.49
CA ILE A 102 -5.80 5.63 -9.82
C ILE A 102 -6.19 4.50 -10.82
N PRO A 103 -7.49 4.27 -10.99
CA PRO A 103 -7.96 3.06 -11.69
C PRO A 103 -7.55 3.10 -13.18
N GLY A 104 -7.12 1.96 -13.71
CA GLY A 104 -6.88 1.81 -15.11
C GLY A 104 -5.41 2.02 -15.50
N LEU A 105 -4.60 2.63 -14.62
CA LEU A 105 -3.23 3.01 -14.98
C LEU A 105 -2.16 2.19 -14.29
N ARG A 106 -0.94 2.21 -14.83
CA ARG A 106 0.23 1.73 -14.13
C ARG A 106 1.49 2.41 -14.62
N ALA A 107 2.57 2.23 -13.86
CA ALA A 107 3.89 2.78 -14.28
C ALA A 107 4.94 1.97 -13.61
N VAL A 108 6.16 2.08 -14.14
CA VAL A 108 7.34 1.54 -13.48
C VAL A 108 7.86 2.52 -12.46
N ILE A 109 8.19 2.01 -11.25
CA ILE A 109 8.62 2.83 -10.12
C ILE A 109 9.80 2.19 -9.47
N PRO A 110 10.83 2.97 -9.15
CA PRO A 110 11.95 2.37 -8.44
C PRO A 110 11.59 2.33 -6.94
N ARG A 111 11.81 1.20 -6.30
CA ARG A 111 11.70 1.09 -4.81
C ARG A 111 12.97 0.46 -4.20
N TYR A 112 13.16 0.57 -2.88
CA TYR A 112 14.23 -0.23 -2.26
C TYR A 112 13.89 -1.68 -2.40
N ARG A 113 14.87 -2.45 -2.82
CA ARG A 113 14.75 -3.89 -2.95
C ARG A 113 14.53 -4.58 -1.58
N TYR A 114 15.21 -4.09 -0.52
CA TYR A 114 15.30 -4.75 0.82
C TYR A 114 14.94 -3.75 1.89
N ILE A 115 13.92 -4.09 2.70
CA ILE A 115 13.57 -3.21 3.80
C ILE A 115 13.32 -4.01 5.09
N ARG A 116 13.31 -3.30 6.23
CA ARG A 116 12.61 -3.78 7.40
C ARG A 116 11.46 -2.88 7.63
N TYR A 117 10.35 -3.49 8.07
CA TYR A 117 9.25 -2.64 8.53
C TYR A 117 8.78 -3.10 9.88
N ARG A 118 8.30 -2.16 10.68
CA ARG A 118 7.89 -2.37 12.07
C ARG A 118 6.57 -1.67 12.29
N GLY A 119 5.79 -2.24 13.20
CA GLY A 119 4.60 -1.52 13.65
C GLY A 119 3.84 -2.50 14.56
N PHE A 120 2.51 -2.44 14.53
CA PHE A 120 1.69 -3.27 15.41
C PHE A 120 0.57 -3.89 14.61
N ALA A 121 0.25 -5.13 14.97
CA ALA A 121 -0.96 -5.79 14.49
C ALA A 121 -2.14 -5.12 15.22
N PRO A 122 -3.36 -5.29 14.70
CA PRO A 122 -4.56 -4.67 15.30
C PRO A 122 -4.80 -5.14 16.76
N ASP A 123 -4.31 -6.33 17.15
CA ASP A 123 -4.42 -6.71 18.57
C ASP A 123 -3.38 -6.07 19.49
N GLY A 124 -2.54 -5.18 18.94
CA GLY A 124 -1.48 -4.54 19.68
C GLY A 124 -0.17 -5.30 19.73
N SER A 125 -0.07 -6.51 19.17
CA SER A 125 1.22 -7.15 19.30
C SER A 125 2.18 -6.57 18.23
N PRO A 126 3.47 -6.49 18.54
CA PRO A 126 4.43 -5.87 17.61
C PRO A 126 4.60 -6.72 16.36
N ILE A 127 4.84 -6.05 15.22
CA ILE A 127 5.19 -6.75 14.00
C ILE A 127 6.57 -6.17 13.58
N GLU A 128 7.53 -7.04 13.25
CA GLU A 128 8.71 -6.53 12.57
C GLU A 128 9.23 -7.57 11.67
N ARG A 129 9.47 -7.16 10.42
CA ARG A 129 9.86 -8.12 9.42
C ARG A 129 10.85 -7.52 8.46
N GLU A 130 11.73 -8.37 7.95
CA GLU A 130 12.52 -7.98 6.80
C GLU A 130 11.72 -8.41 5.55
N ALA A 131 11.74 -7.58 4.50
CA ALA A 131 11.05 -7.93 3.28
C ALA A 131 11.87 -7.54 2.04
N GLU A 132 11.64 -8.25 0.95
CA GLU A 132 12.37 -7.91 -0.28
C GLU A 132 11.43 -7.96 -1.49
N GLY A 133 11.87 -7.40 -2.64
CA GLY A 133 11.11 -7.61 -3.88
C GLY A 133 9.66 -7.08 -3.74
N PHE A 134 8.72 -7.83 -4.28
CA PHE A 134 7.31 -7.36 -4.37
C PHE A 134 6.71 -7.08 -2.94
N HIS A 135 7.00 -7.94 -1.95
CA HIS A 135 6.54 -7.74 -0.59
C HIS A 135 6.94 -6.33 -0.09
N ALA A 136 8.22 -6.03 -0.23
CA ALA A 136 8.82 -4.74 0.18
C ALA A 136 8.20 -3.60 -0.61
N ARG A 137 7.98 -3.85 -1.91
CA ARG A 137 7.38 -2.81 -2.75
C ARG A 137 5.98 -2.43 -2.29
N VAL A 138 5.17 -3.46 -2.04
CA VAL A 138 3.81 -3.20 -1.61
C VAL A 138 3.78 -2.34 -0.30
N VAL A 139 4.57 -2.76 0.67
CA VAL A 139 4.67 -1.99 1.95
C VAL A 139 5.16 -0.56 1.75
N GLN A 140 6.18 -0.34 0.92
CA GLN A 140 6.57 1.05 0.61
C GLN A 140 5.47 1.82 -0.08
N HIS A 141 4.81 1.20 -1.04
CA HIS A 141 3.72 1.90 -1.77
C HIS A 141 2.60 2.29 -0.81
N GLU A 142 2.16 1.34 0.05
CA GLU A 142 1.09 1.73 1.00
C GLU A 142 1.56 2.78 1.99
N TYR A 143 2.79 2.66 2.48
CA TYR A 143 3.31 3.62 3.43
C TYR A 143 3.23 5.05 2.87
N ASP A 144 3.58 5.21 1.58
CA ASP A 144 3.43 6.52 0.91
C ASP A 144 2.08 7.12 1.12
N HIS A 145 0.99 6.35 1.05
CA HIS A 145 -0.36 6.96 1.30
C HIS A 145 -0.45 7.61 2.69
N LEU A 146 0.31 7.10 3.65
CA LEU A 146 0.17 7.61 5.06
C LEU A 146 0.93 8.89 5.21
N VAL A 147 1.77 9.23 4.21
CA VAL A 147 2.38 10.54 4.19
C VAL A 147 1.88 11.42 3.02
N GLY A 148 0.78 11.08 2.41
CA GLY A 148 0.17 11.97 1.44
C GLY A 148 0.82 11.91 0.07
N ARG A 149 1.39 10.75 -0.27
CA ARG A 149 2.15 10.58 -1.54
C ARG A 149 1.52 9.46 -2.38
N LEU A 150 1.45 9.66 -3.71
CA LEU A 150 0.99 8.60 -4.64
C LEU A 150 2.11 8.29 -5.66
N TYR A 151 1.98 7.19 -6.40
CA TYR A 151 3.13 6.71 -7.20
C TYR A 151 3.55 7.65 -8.39
N PRO A 152 2.63 8.44 -8.95
CA PRO A 152 3.08 9.28 -10.11
C PRO A 152 4.24 10.21 -9.79
N SER A 153 4.31 10.72 -8.55
CA SER A 153 5.38 11.61 -8.17
C SER A 153 6.64 10.83 -7.99
N ARG A 154 6.60 9.50 -8.15
CA ARG A 154 7.86 8.74 -8.13
C ARG A 154 8.32 8.21 -9.52
N ILE A 155 7.50 8.39 -10.54
CA ILE A 155 7.90 7.89 -11.89
C ILE A 155 9.19 8.60 -12.33
N GLU A 156 10.12 7.82 -12.88
CA GLU A 156 11.30 8.43 -13.50
C GLU A 156 11.16 8.33 -15.01
N ASN A 157 10.69 7.19 -15.53
CA ASN A 157 10.58 7.05 -16.96
C ASN A 157 9.10 7.13 -17.37
N PHE A 158 8.69 8.31 -17.86
CA PHE A 158 7.31 8.56 -18.26
C PHE A 158 6.84 7.78 -19.48
N ASP A 159 7.77 7.18 -20.23
CA ASP A 159 7.35 6.21 -21.25
C ASP A 159 6.61 5.01 -20.68
N THR A 160 6.82 4.70 -19.39
CA THR A 160 6.22 3.49 -18.80
C THR A 160 4.87 3.74 -18.18
N PHE A 161 4.44 4.99 -18.12
CA PHE A 161 3.18 5.36 -17.48
C PHE A 161 2.02 5.33 -18.52
N GLY A 162 0.99 4.55 -18.26
CA GLY A 162 -0.11 4.41 -19.22
C GLY A 162 -1.22 3.50 -18.74
N PHE A 163 -2.22 3.32 -19.59
CA PHE A 163 -3.33 2.47 -19.26
C PHE A 163 -2.96 1.02 -19.40
N ASP A 164 -3.38 0.19 -18.42
CA ASP A 164 -2.98 -1.22 -18.31
CA ASP A 164 -2.91 -1.21 -18.34
C ASP A 164 -3.30 -2.05 -19.55
N ASP A 165 -4.42 -1.72 -20.19
CA ASP A 165 -4.87 -2.46 -21.38
C ASP A 165 -4.10 -2.04 -22.65
N VAL A 166 -3.30 -0.99 -22.57
CA VAL A 166 -2.66 -0.48 -23.73
C VAL A 166 -1.12 -0.65 -23.64
N LEU A 167 -0.53 -0.54 -22.47
CA LEU A 167 0.97 -0.54 -22.39
C LEU A 167 1.63 -1.79 -23.03
N SER A 168 2.78 -1.61 -23.73
CA SER A 168 3.61 -2.74 -24.20
CA SER A 168 3.62 -2.72 -24.25
C SER A 168 5.07 -2.61 -23.76
N TYR A 169 5.31 -1.85 -22.69
CA TYR A 169 6.67 -1.68 -22.21
C TYR A 169 7.18 -2.98 -21.57
N ASP A 170 8.34 -3.49 -22.01
CA ASP A 170 8.87 -4.74 -21.41
C ASP A 170 10.01 -4.39 -20.49
N LEU A 171 9.67 -4.32 -19.19
CA LEU A 171 10.68 -4.05 -18.16
C LEU A 171 11.59 -5.30 -18.01
CD CD B . 16.20 -13.18 0.17
CD CD C . 13.71 -9.09 12.02
CD CD D . -2.23 2.80 -3.89
CD CD E . -2.78 1.73 -2.15
C ACT F . 6.74 11.75 -21.78
O ACT F . 7.93 11.85 -21.50
OXT ACT F . 5.93 12.71 -21.57
CH3 ACT F . 6.28 10.43 -22.32
NA NA G . 14.63 -0.94 11.34
NA NA H . 0.50 16.62 1.45
N2 56F I . 0.17 -1.27 -5.02
C6 56F I . 1.77 -3.71 -8.63
C7 56F I . 1.30 -3.66 -9.94
C9 56F I . -0.91 -2.97 -9.08
C10 56F I . -0.45 -3.02 -7.78
CL 56F I . -0.65 -3.11 -11.84
C8 56F I . -0.03 -3.27 -10.15
C5 56F I . 0.90 -3.38 -7.57
C4 56F I . 1.44 -3.42 -6.14
S3 56F I . 1.62 -1.82 -5.57
OS1 56F I . 2.18 -0.95 -6.60
OS2 56F I . 2.70 -1.88 -4.62
C1 56F I . -0.35 -1.62 -3.71
CD CD J . 20.95 -6.81 -6.90
#